data_3T4L
#
_entry.id   3T4L
#
_cell.length_a   59.790
_cell.length_b   59.790
_cell.length_c   297.280
_cell.angle_alpha   90.00
_cell.angle_beta   90.00
_cell.angle_gamma   120.00
#
_symmetry.space_group_name_H-M   'P 32 2 1'
#
loop_
_entity.id
_entity.type
_entity.pdbx_description
1 polymer 'Histidine kinase 4'
2 non-polymer (2E)-2-methyl-4-(9H-purin-6-ylamino)but-2-en-1-ol
3 non-polymer 'MALONATE ION'
4 water water
#
_entity_poly.entity_id   1
_entity_poly.type   'polypeptide(L)'
_entity_poly.pdbx_seq_one_letter_code
;MDDANKIRREEVLVSMCDQRARMLQDQFSVSVNHVHALAILVSTFHYHKNPSAIDQETFAEYTARTAFERPLLSGVAYAE
KVVNFEREMFERQHNWVIKTMDRGEPSPVRDEYAPVIFSQDSVSYLESLDMMSGEEDRENILRARETGKAVLTSPFRLLE
THHLGVVLTFPVYKSSLPENPTVEERIAATAGYLGGAFDVESLVENLLGQLAGNQAIVVHVYDITNASDPLVMYGNQDEE
ADRSLSHESKLDFGDPFRKHKMICRYHQKA
;
_entity_poly.pdbx_strand_id   A,B
#
loop_
_chem_comp.id
_chem_comp.type
_chem_comp.name
_chem_comp.formula
MLI non-polymer 'MALONATE ION' 'C3 H2 O4 -2'
ZEA non-polymer (2E)-2-methyl-4-(9H-purin-6-ylamino)but-2-en-1-ol 'C10 H13 N5 O'
#
# COMPACT_ATOMS: atom_id res chain seq x y z
N MET A 1 -30.06 -26.53 22.42
CA MET A 1 -29.98 -27.13 23.78
C MET A 1 -28.74 -28.02 23.91
N ASP A 2 -28.64 -29.02 23.03
CA ASP A 2 -27.68 -30.15 23.13
C ASP A 2 -26.25 -29.76 23.52
N ASP A 3 -25.57 -30.63 24.27
CA ASP A 3 -24.15 -30.43 24.59
C ASP A 3 -23.27 -30.52 23.33
N ALA A 4 -23.55 -31.47 22.45
CA ALA A 4 -22.83 -31.59 21.17
C ALA A 4 -23.01 -30.34 20.31
N ASN A 5 -24.25 -29.85 20.24
CA ASN A 5 -24.57 -28.63 19.50
C ASN A 5 -23.92 -27.37 20.09
N LYS A 6 -23.71 -27.38 21.41
CA LYS A 6 -23.00 -26.29 22.10
C LYS A 6 -21.51 -26.25 21.76
N ILE A 7 -20.86 -27.40 21.60
CA ILE A 7 -19.45 -27.41 21.20
C ILE A 7 -19.30 -26.77 19.81
N ARG A 8 -20.18 -27.14 18.88
CA ARG A 8 -20.19 -26.56 17.55
C ARG A 8 -20.52 -25.05 17.55
N ARG A 9 -21.44 -24.66 18.42
CA ARG A 9 -21.77 -23.24 18.65
CA ARG A 9 -21.77 -23.24 18.61
C ARG A 9 -20.53 -22.43 19.03
N GLU A 10 -19.72 -22.98 19.93
CA GLU A 10 -18.49 -22.31 20.34
C GLU A 10 -17.47 -22.31 19.20
N GLU A 11 -17.38 -23.43 18.49
CA GLU A 11 -16.46 -23.52 17.34
C GLU A 11 -16.74 -22.44 16.30
N VAL A 12 -18.02 -22.18 16.05
CA VAL A 12 -18.42 -21.17 15.07
C VAL A 12 -18.05 -19.77 15.60
N LEU A 13 -18.32 -19.50 16.87
CA LEU A 13 -18.00 -18.19 17.48
C LEU A 13 -16.50 -17.92 17.36
N VAL A 14 -15.68 -18.91 17.70
CA VAL A 14 -14.23 -18.80 17.59
C VAL A 14 -13.80 -18.44 16.18
N SER A 15 -14.30 -19.21 15.21
CA SER A 15 -13.97 -18.99 13.80
C SER A 15 -14.40 -17.61 13.32
N MET A 16 -15.62 -17.19 13.67
CA MET A 16 -16.16 -15.90 13.24
C MET A 16 -15.38 -14.74 13.83
N CYS A 17 -15.05 -14.87 15.11
CA CYS A 17 -14.32 -13.83 15.83
C CYS A 17 -12.90 -13.74 15.29
N ASP A 18 -12.22 -14.87 15.21
CA ASP A 18 -10.84 -14.89 14.69
C ASP A 18 -10.78 -14.32 13.29
N GLN A 19 -11.77 -14.62 12.45
CA GLN A 19 -11.74 -14.08 11.09
C GLN A 19 -11.90 -12.56 11.09
N ARG A 20 -12.81 -12.06 11.91
CA ARG A 20 -13.02 -10.62 12.00
C ARG A 20 -11.76 -9.91 12.53
N ALA A 21 -11.10 -10.53 13.51
CA ALA A 21 -9.87 -9.95 14.04
C ALA A 21 -8.77 -9.90 12.96
N ARG A 22 -8.63 -10.97 12.19
CA ARG A 22 -7.62 -11.02 11.13
C ARG A 22 -7.91 -9.91 10.13
N MET A 23 -9.19 -9.75 9.78
CA MET A 23 -9.57 -8.75 8.78
C MET A 23 -9.27 -7.33 9.27
N LEU A 24 -9.59 -7.07 10.52
CA LEU A 24 -9.35 -5.76 11.09
CA LEU A 24 -9.34 -5.74 11.10
C LEU A 24 -7.85 -5.48 11.15
N GLN A 25 -7.08 -6.45 11.63
CA GLN A 25 -5.64 -6.30 11.77
C GLN A 25 -5.00 -6.09 10.39
N ASP A 26 -5.43 -6.87 9.41
CA ASP A 26 -4.83 -6.77 8.08
CA ASP A 26 -4.85 -6.75 8.06
C ASP A 26 -5.17 -5.42 7.42
N GLN A 27 -6.42 -5.00 7.53
CA GLN A 27 -6.90 -3.71 7.02
CA GLN A 27 -6.80 -3.74 6.92
C GLN A 27 -6.11 -2.55 7.60
N PHE A 28 -5.88 -2.63 8.90
CA PHE A 28 -5.15 -1.56 9.59
CA PHE A 28 -5.14 -1.62 9.65
C PHE A 28 -3.71 -1.56 9.12
N SER A 29 -3.11 -2.73 8.99
CA SER A 29 -1.74 -2.86 8.52
C SER A 29 -1.57 -2.26 7.12
N VAL A 30 -2.50 -2.54 6.24
CA VAL A 30 -2.48 -1.97 4.88
C VAL A 30 -2.51 -0.46 4.94
N SER A 31 -3.38 0.09 5.79
CA SER A 31 -3.47 1.53 5.95
C SER A 31 -2.23 2.14 6.54
N VAL A 32 -1.66 1.52 7.57
CA VAL A 32 -0.43 2.03 8.15
C VAL A 32 0.67 2.10 7.07
N ASN A 33 0.79 1.05 6.25
CA ASN A 33 1.85 1.00 5.27
C ASN A 33 1.68 2.08 4.22
N HIS A 34 0.44 2.40 3.89
CA HIS A 34 0.21 3.41 2.83
C HIS A 34 0.36 4.80 3.39
N VAL A 35 0.02 4.99 4.66
CA VAL A 35 0.42 6.23 5.35
C VAL A 35 1.95 6.42 5.39
N HIS A 36 2.69 5.36 5.64
CA HIS A 36 4.14 5.42 5.62
C HIS A 36 4.61 5.95 4.24
N ALA A 37 4.01 5.44 3.17
CA ALA A 37 4.36 5.89 1.82
C ALA A 37 4.08 7.38 1.65
N LEU A 38 2.98 7.87 2.20
CA LEU A 38 2.68 9.31 2.18
C LEU A 38 3.74 10.14 2.91
N ALA A 39 4.23 9.65 4.05
CA ALA A 39 5.28 10.37 4.74
C ALA A 39 6.54 10.49 3.84
N ILE A 40 6.86 9.41 3.15
CA ILE A 40 7.97 9.38 2.19
C ILE A 40 7.68 10.33 1.01
N LEU A 41 6.44 10.33 0.56
CA LEU A 41 5.99 11.24 -0.54
C LEU A 41 6.26 12.69 -0.12
N VAL A 42 5.84 13.09 1.09
CA VAL A 42 6.06 14.47 1.54
C VAL A 42 7.57 14.75 1.62
N SER A 43 8.34 13.83 2.16
CA SER A 43 9.78 14.05 2.26
C SER A 43 10.41 14.24 0.88
N THR A 44 10.05 13.38 -0.07
CA THR A 44 10.69 13.35 -1.39
C THR A 44 10.20 14.53 -2.24
N PHE A 45 8.90 14.77 -2.26
CA PHE A 45 8.32 15.71 -3.24
C PHE A 45 8.16 17.11 -2.69
N HIS A 46 8.05 17.27 -1.38
CA HIS A 46 7.91 18.61 -0.79
C HIS A 46 9.25 19.14 -0.29
N TYR A 47 10.01 18.35 0.48
CA TYR A 47 11.24 18.83 1.07
C TYR A 47 12.42 18.65 0.16
N HIS A 48 12.63 17.45 -0.37
CA HIS A 48 13.83 17.21 -1.15
C HIS A 48 13.79 17.92 -2.50
N LYS A 49 12.63 17.99 -3.13
CA LYS A 49 12.54 18.55 -4.48
C LYS A 49 12.59 20.07 -4.36
N ASN A 50 13.37 20.69 -5.24
CA ASN A 50 13.54 22.13 -5.27
C ASN A 50 13.09 22.58 -6.67
N PRO A 51 11.90 23.19 -6.76
CA PRO A 51 10.97 23.59 -5.72
C PRO A 51 10.05 22.46 -5.33
N SER A 52 9.38 22.60 -4.18
CA SER A 52 8.33 21.66 -3.79
C SER A 52 7.31 21.41 -4.92
N ALA A 53 6.92 20.16 -5.04
CA ALA A 53 5.86 19.73 -5.97
C ALA A 53 4.53 19.59 -5.24
N ILE A 54 4.51 19.75 -3.94
CA ILE A 54 3.26 19.57 -3.22
C ILE A 54 2.71 20.88 -2.66
N ASP A 55 1.58 21.30 -3.19
CA ASP A 55 0.73 22.30 -2.57
C ASP A 55 -0.52 21.59 -2.07
N GLN A 56 -1.39 22.33 -1.40
CA GLN A 56 -2.61 21.75 -0.85
C GLN A 56 -3.41 21.04 -1.95
N GLU A 57 -3.53 21.68 -3.10
CA GLU A 57 -4.32 21.12 -4.20
CA GLU A 57 -4.30 21.14 -4.19
C GLU A 57 -3.75 19.76 -4.62
N THR A 58 -2.43 19.66 -4.74
CA THR A 58 -1.80 18.42 -5.13
C THR A 58 -1.97 17.32 -4.07
N PHE A 59 -1.76 17.68 -2.80
CA PHE A 59 -1.96 16.75 -1.72
C PHE A 59 -3.39 16.23 -1.68
N ALA A 60 -4.35 17.13 -1.83
CA ALA A 60 -5.75 16.73 -1.83
C ALA A 60 -6.06 15.76 -2.97
N GLU A 61 -5.54 16.03 -4.17
CA GLU A 61 -5.83 15.17 -5.31
C GLU A 61 -5.22 13.81 -5.10
N TYR A 62 -3.94 13.76 -4.79
CA TYR A 62 -3.28 12.50 -4.65
C TYR A 62 -3.93 11.66 -3.56
N THR A 63 -4.26 12.25 -2.42
CA THR A 63 -4.83 11.50 -1.33
C THR A 63 -6.27 11.06 -1.62
N ALA A 64 -7.04 11.90 -2.34
CA ALA A 64 -8.38 11.50 -2.73
C ALA A 64 -8.28 10.27 -3.67
N ARG A 65 -7.43 10.36 -4.69
CA ARG A 65 -7.34 9.28 -5.68
C ARG A 65 -6.80 7.98 -5.08
N THR A 66 -6.07 8.09 -3.98
CA THR A 66 -5.54 6.91 -3.30
C THR A 66 -6.29 6.53 -2.02
N ALA A 67 -7.45 7.11 -1.79
CA ALA A 67 -8.18 6.84 -0.53
C ALA A 67 -8.42 5.34 -0.35
N PHE A 68 -8.57 4.61 -1.44
CA PHE A 68 -8.81 3.17 -1.43
C PHE A 68 -7.64 2.36 -0.84
N GLU A 69 -6.45 2.95 -0.83
CA GLU A 69 -5.25 2.30 -0.28
CA GLU A 69 -5.28 2.29 -0.28
C GLU A 69 -5.25 2.33 1.25
N ARG A 70 -6.15 3.12 1.83
CA ARG A 70 -6.13 3.34 3.26
C ARG A 70 -7.50 3.05 3.86
N PRO A 71 -7.88 1.77 3.86
CA PRO A 71 -9.27 1.46 4.15
C PRO A 71 -9.81 1.88 5.48
N LEU A 72 -9.01 1.92 6.52
CA LEU A 72 -9.74 2.25 7.78
C LEU A 72 -9.65 3.76 8.16
N LEU A 73 -9.12 4.54 7.23
CA LEU A 73 -8.89 5.96 7.53
C LEU A 73 -9.94 6.87 6.94
N SER A 74 -10.39 7.82 7.73
CA SER A 74 -11.33 8.82 7.26
C SER A 74 -10.62 9.93 6.49
N GLY A 75 -9.34 10.17 6.80
CA GLY A 75 -8.58 11.23 6.15
C GLY A 75 -7.15 11.20 6.65
N VAL A 76 -6.27 11.81 5.86
CA VAL A 76 -4.86 11.99 6.18
C VAL A 76 -4.52 13.46 6.02
N ALA A 77 -3.48 13.90 6.74
CA ALA A 77 -3.06 15.28 6.74
C ALA A 77 -1.57 15.33 7.10
N TYR A 78 -0.94 16.41 6.71
CA TYR A 78 0.46 16.68 7.06
C TYR A 78 0.55 17.97 7.88
N ALA A 79 1.14 17.83 9.08
CA ALA A 79 1.36 18.95 9.99
C ALA A 79 2.84 19.24 10.02
N GLU A 80 3.20 20.51 9.89
CA GLU A 80 4.59 20.92 9.92
C GLU A 80 4.97 21.38 11.32
N LYS A 81 6.16 21.00 11.73
CA LYS A 81 6.73 21.50 12.97
C LYS A 81 7.08 22.99 12.82
N VAL A 82 6.61 23.78 13.78
CA VAL A 82 6.89 25.22 13.81
C VAL A 82 7.24 25.57 15.22
N VAL A 83 8.45 26.04 15.44
CA VAL A 83 8.82 26.49 16.79
CA VAL A 83 8.90 26.49 16.75
C VAL A 83 8.46 27.96 16.92
N ASN A 84 8.24 28.42 18.15
CA ASN A 84 7.71 29.76 18.33
C ASN A 84 8.52 30.88 17.69
N PHE A 85 9.85 30.77 17.72
CA PHE A 85 10.68 31.81 17.12
CA PHE A 85 10.72 31.75 17.11
C PHE A 85 10.36 32.01 15.64
N GLU A 86 9.82 30.97 14.99
CA GLU A 86 9.46 30.98 13.56
C GLU A 86 8.00 31.28 13.29
N ARG A 87 7.19 31.38 14.32
CA ARG A 87 5.73 31.41 14.08
C ARG A 87 5.26 32.59 13.22
N GLU A 88 5.71 33.80 13.54
CA GLU A 88 5.30 34.98 12.77
C GLU A 88 5.69 34.86 11.31
N MET A 89 6.90 34.37 11.05
CA MET A 89 7.37 34.12 9.68
CA MET A 89 7.32 34.17 9.66
C MET A 89 6.45 33.13 8.97
N PHE A 90 6.18 32.02 9.63
CA PHE A 90 5.36 30.96 9.06
C PHE A 90 3.98 31.50 8.72
N GLU A 91 3.40 32.22 9.65
CA GLU A 91 2.05 32.76 9.43
C GLU A 91 1.97 33.76 8.28
N ARG A 92 2.98 34.62 8.18
CA ARG A 92 3.03 35.61 7.12
CA ARG A 92 3.02 35.60 7.10
C ARG A 92 3.19 34.91 5.75
N GLN A 93 4.01 33.87 5.68
CA GLN A 93 4.22 33.17 4.43
C GLN A 93 2.93 32.43 4.00
N HIS A 94 2.27 31.80 4.96
CA HIS A 94 1.05 31.05 4.66
C HIS A 94 -0.20 31.92 4.54
N ASN A 95 -0.13 33.12 5.10
CA ASN A 95 -1.25 34.05 5.12
C ASN A 95 -2.41 33.54 5.95
N TRP A 96 -2.08 32.86 7.04
CA TRP A 96 -3.05 32.50 8.05
C TRP A 96 -2.37 32.26 9.34
N VAL A 97 -3.18 32.29 10.39
CA VAL A 97 -2.76 32.16 11.78
CA VAL A 97 -2.66 32.10 11.74
C VAL A 97 -2.93 30.71 12.26
N ILE A 98 -1.98 30.22 13.05
CA ILE A 98 -2.12 28.93 13.68
C ILE A 98 -3.27 28.96 14.69
N LYS A 99 -4.13 27.95 14.63
CA LYS A 99 -5.33 27.96 15.44
C LYS A 99 -5.35 26.79 16.40
N THR A 100 -6.15 26.89 17.45
CA THR A 100 -6.32 25.80 18.40
C THR A 100 -7.41 24.85 17.92
N MET A 101 -7.28 23.59 18.29
CA MET A 101 -8.20 22.54 17.88
C MET A 101 -9.55 22.67 18.55
N ASP A 102 -9.57 23.14 19.80
CA ASP A 102 -10.82 23.12 20.56
C ASP A 102 -11.81 24.19 20.10
N ARG A 103 -11.30 25.35 19.68
CA ARG A 103 -12.19 26.44 19.27
C ARG A 103 -11.88 27.10 17.92
N GLY A 104 -10.85 26.62 17.21
CA GLY A 104 -10.46 27.24 15.95
C GLY A 104 -10.07 28.70 16.14
N GLU A 105 -9.62 29.03 17.36
CA GLU A 105 -9.20 30.39 17.68
C GLU A 105 -7.68 30.52 17.52
N PRO A 106 -7.17 31.75 17.33
CA PRO A 106 -5.73 31.92 17.21
C PRO A 106 -4.99 31.31 18.40
N SER A 107 -3.94 30.55 18.12
CA SER A 107 -3.23 29.89 19.21
C SER A 107 -2.54 30.89 20.13
N PRO A 108 -2.61 30.65 21.46
CA PRO A 108 -1.74 31.36 22.36
C PRO A 108 -0.30 30.97 22.11
N VAL A 109 0.62 31.67 22.76
CA VAL A 109 2.04 31.37 22.63
C VAL A 109 2.35 30.02 23.26
N ARG A 110 3.04 29.19 22.51
CA ARG A 110 3.50 27.84 22.89
C ARG A 110 4.93 27.71 22.42
N ASP A 111 5.71 26.79 23.01
CA ASP A 111 7.09 26.62 22.58
C ASP A 111 7.17 26.20 21.12
N GLU A 112 6.23 25.34 20.72
CA GLU A 112 6.17 24.84 19.35
C GLU A 112 4.75 24.44 19.03
N TYR A 113 4.52 24.19 17.75
CA TYR A 113 3.21 23.91 17.20
C TYR A 113 3.35 22.89 16.10
N ALA A 114 2.23 22.30 15.73
CA ALA A 114 2.18 21.38 14.62
C ALA A 114 0.96 21.72 13.73
N PRO A 115 0.98 22.89 13.06
CA PRO A 115 -0.19 23.21 12.23
C PRO A 115 -0.28 22.37 10.97
N VAL A 116 -1.50 21.98 10.62
CA VAL A 116 -1.73 21.20 9.43
C VAL A 116 -1.64 22.14 8.23
N ILE A 117 -0.75 21.81 7.29
CA ILE A 117 -0.58 22.56 6.05
C ILE A 117 -1.10 21.86 4.81
N PHE A 118 -1.20 20.53 4.86
CA PHE A 118 -1.81 19.77 3.78
C PHE A 118 -2.86 18.83 4.35
N SER A 119 -3.99 18.66 3.64
CA SER A 119 -5.06 17.82 4.16
C SER A 119 -5.86 17.20 3.04
N GLN A 120 -6.24 15.94 3.22
CA GLN A 120 -7.24 15.35 2.37
C GLN A 120 -8.53 16.15 2.58
N ASP A 121 -9.32 16.33 1.53
CA ASP A 121 -10.52 17.16 1.67
C ASP A 121 -11.50 16.62 2.72
N SER A 122 -11.48 15.31 2.94
CA SER A 122 -12.34 14.70 3.96
C SER A 122 -12.07 15.23 5.35
N VAL A 123 -10.86 15.75 5.59
CA VAL A 123 -10.51 16.35 6.87
C VAL A 123 -9.98 17.76 6.68
N SER A 124 -10.65 18.48 5.78
CA SER A 124 -10.20 19.83 5.41
C SER A 124 -10.25 20.83 6.58
N TYR A 125 -11.17 20.59 7.51
CA TYR A 125 -11.30 21.37 8.74
C TYR A 125 -10.05 21.33 9.62
N LEU A 126 -9.13 20.41 9.36
CA LEU A 126 -7.85 20.40 10.08
C LEU A 126 -6.90 21.51 9.64
N GLU A 127 -7.08 22.08 8.46
CA GLU A 127 -6.11 23.02 7.94
C GLU A 127 -5.94 24.20 8.91
N SER A 128 -4.68 24.47 9.26
CA SER A 128 -4.24 25.54 10.15
C SER A 128 -4.36 25.20 11.61
N LEU A 129 -5.01 24.10 11.95
CA LEU A 129 -5.10 23.70 13.36
C LEU A 129 -3.78 23.14 13.84
N ASP A 130 -3.42 23.57 15.05
CA ASP A 130 -2.23 23.05 15.76
C ASP A 130 -2.54 21.69 16.37
N MET A 131 -1.95 20.64 15.81
CA MET A 131 -2.22 19.28 16.28
CA MET A 131 -2.26 19.30 16.29
C MET A 131 -1.68 19.05 17.69
N MET A 132 -0.77 19.91 18.15
CA MET A 132 -0.29 19.80 19.53
CA MET A 132 -0.29 19.79 19.54
C MET A 132 -1.27 20.37 20.57
N SER A 133 -2.36 20.97 20.09
CA SER A 133 -3.36 21.58 20.97
C SER A 133 -4.47 20.61 21.44
N GLY A 134 -4.35 19.33 21.05
CA GLY A 134 -5.14 18.25 21.58
C GLY A 134 -4.18 17.27 22.24
N GLU A 135 -4.54 16.76 23.41
CA GLU A 135 -3.58 15.96 24.18
C GLU A 135 -3.25 14.64 23.54
N GLU A 136 -4.24 13.96 22.97
CA GLU A 136 -3.98 12.69 22.32
C GLU A 136 -3.05 12.89 21.12
N ASP A 137 -3.36 13.90 20.33
CA ASP A 137 -2.53 14.26 19.18
C ASP A 137 -1.12 14.69 19.55
N ARG A 138 -1.03 15.50 20.59
CA ARG A 138 0.27 16.00 21.04
C ARG A 138 1.17 14.84 21.49
N GLU A 139 0.63 13.93 22.29
CA GLU A 139 1.39 12.77 22.78
C GLU A 139 1.85 11.89 21.61
N ASN A 140 0.97 11.75 20.63
CA ASN A 140 1.30 10.98 19.43
C ASN A 140 2.44 11.61 18.65
N ILE A 141 2.40 12.92 18.48
CA ILE A 141 3.44 13.66 17.78
C ILE A 141 4.79 13.48 18.44
N LEU A 142 4.82 13.63 19.75
CA LEU A 142 6.07 13.47 20.46
C LEU A 142 6.64 12.06 20.34
N ARG A 143 5.80 11.02 20.50
CA ARG A 143 6.30 9.66 20.46
C ARG A 143 6.71 9.26 19.03
N ALA A 144 5.98 9.77 18.04
CA ALA A 144 6.36 9.55 16.63
C ALA A 144 7.77 10.06 16.38
N ARG A 145 8.01 11.31 16.73
CA ARG A 145 9.29 11.89 16.40
C ARG A 145 10.45 11.29 17.20
N GLU A 146 10.17 10.89 18.45
CA GLU A 146 11.22 10.33 19.31
C GLU A 146 11.58 8.91 18.93
N THR A 147 10.63 8.15 18.43
CA THR A 147 10.85 6.76 18.09
C THR A 147 11.21 6.51 16.63
N GLY A 148 10.80 7.42 15.76
CA GLY A 148 11.00 7.24 14.33
C GLY A 148 10.03 6.28 13.67
N LYS A 149 8.97 5.87 14.37
CA LYS A 149 8.05 4.88 13.83
CA LYS A 149 8.05 4.87 13.83
C LYS A 149 6.59 5.27 14.04
N ALA A 150 5.71 4.50 13.38
CA ALA A 150 4.27 4.72 13.46
C ALA A 150 3.83 4.62 14.91
N VAL A 151 2.95 5.53 15.35
CA VAL A 151 2.36 5.50 16.68
C VAL A 151 0.85 5.68 16.65
N LEU A 152 0.17 5.06 17.60
CA LEU A 152 -1.28 5.15 17.76
C LEU A 152 -1.67 5.78 19.09
N THR A 153 -2.74 6.56 19.08
CA THR A 153 -3.33 7.10 20.29
C THR A 153 -4.21 6.07 21.02
N SER A 154 -4.61 6.39 22.25
CA SER A 154 -5.77 5.72 22.87
C SER A 154 -7.02 6.11 22.09
N PRO A 155 -8.12 5.36 22.29
CA PRO A 155 -9.35 5.77 21.64
C PRO A 155 -9.90 7.09 22.17
N PHE A 156 -10.31 7.96 21.26
CA PHE A 156 -10.96 9.23 21.65
C PHE A 156 -11.87 9.74 20.55
N ARG A 157 -12.71 10.72 20.88
CA ARG A 157 -13.67 11.23 19.91
C ARG A 157 -13.02 12.31 19.04
N LEU A 158 -13.04 12.03 17.75
CA LEU A 158 -12.35 12.81 16.74
C LEU A 158 -13.05 14.12 16.48
N LEU A 159 -12.29 15.07 15.95
CA LEU A 159 -12.81 16.38 15.59
C LEU A 159 -13.90 16.29 14.56
N GLU A 160 -14.88 17.18 14.71
CA GLU A 160 -15.99 17.39 13.78
C GLU A 160 -17.04 16.29 13.80
N THR A 161 -16.63 15.04 13.65
CA THR A 161 -17.56 13.92 13.65
C THR A 161 -17.89 13.47 15.05
N HIS A 162 -16.95 13.65 15.97
CA HIS A 162 -17.05 13.13 17.33
C HIS A 162 -17.16 11.60 17.34
N HIS A 163 -16.71 10.96 16.26
CA HIS A 163 -16.68 9.52 16.20
C HIS A 163 -15.54 8.98 17.05
N LEU A 164 -15.78 7.88 17.74
CA LEU A 164 -14.73 7.22 18.51
C LEU A 164 -13.72 6.56 17.58
N GLY A 165 -12.46 6.97 17.66
CA GLY A 165 -11.43 6.44 16.78
C GLY A 165 -10.06 6.59 17.41
N VAL A 166 -9.04 6.34 16.61
CA VAL A 166 -7.65 6.51 17.05
C VAL A 166 -6.90 7.24 15.94
N VAL A 167 -5.88 7.97 16.34
CA VAL A 167 -5.03 8.67 15.39
C VAL A 167 -3.70 7.95 15.22
N LEU A 168 -3.25 7.87 13.97
CA LEU A 168 -1.97 7.29 13.59
C LEU A 168 -1.07 8.43 13.13
N THR A 169 0.19 8.43 13.59
CA THR A 169 1.16 9.46 13.18
C THR A 169 2.49 8.83 12.80
N PHE A 170 3.07 9.30 11.69
CA PHE A 170 4.47 8.99 11.27
C PHE A 170 5.21 10.28 11.29
N PRO A 171 6.46 10.24 11.75
CA PRO A 171 7.30 11.40 11.66
C PRO A 171 7.87 11.59 10.25
N VAL A 172 8.11 12.84 9.90
CA VAL A 172 8.87 13.20 8.72
C VAL A 172 10.10 13.96 9.18
N TYR A 173 11.27 13.50 8.74
CA TYR A 173 12.52 14.15 9.12
C TYR A 173 13.18 14.91 7.97
N LYS A 174 13.94 15.93 8.38
CA LYS A 174 14.88 16.64 7.53
C LYS A 174 16.07 15.77 7.13
N SER A 175 16.72 16.14 6.02
CA SER A 175 17.84 15.35 5.48
C SER A 175 19.07 15.38 6.36
N SER A 176 19.08 16.32 7.32
CA SER A 176 20.12 16.42 8.33
C SER A 176 20.06 15.33 9.40
N LEU A 177 19.00 14.52 9.43
CA LEU A 177 18.91 13.41 10.39
C LEU A 177 20.16 12.54 10.26
N PRO A 178 20.95 12.37 11.35
CA PRO A 178 22.12 11.49 11.24
C PRO A 178 21.76 10.02 11.08
N GLU A 179 22.69 9.19 10.62
CA GLU A 179 22.43 7.74 10.64
C GLU A 179 22.54 7.29 12.09
N ASN A 180 21.78 6.26 12.44
CA ASN A 180 21.66 5.78 13.82
C ASN A 180 21.45 6.93 14.80
N PRO A 181 20.39 7.71 14.59
CA PRO A 181 20.19 8.93 15.36
C PRO A 181 19.82 8.64 16.81
N THR A 182 20.23 9.54 17.69
CA THR A 182 19.71 9.52 19.05
C THR A 182 18.32 10.19 19.05
N VAL A 183 17.58 10.05 20.15
CA VAL A 183 16.31 10.73 20.29
C VAL A 183 16.48 12.25 20.15
N GLU A 184 17.52 12.80 20.78
CA GLU A 184 17.79 14.22 20.71
C GLU A 184 17.99 14.65 19.26
N GLU A 185 18.72 13.83 18.51
CA GLU A 185 18.94 14.10 17.08
C GLU A 185 17.64 14.03 16.29
N ARG A 186 16.81 13.03 16.61
CA ARG A 186 15.51 12.91 15.94
C ARG A 186 14.63 14.16 16.14
N ILE A 187 14.57 14.65 17.37
CA ILE A 187 13.81 15.83 17.67
C ILE A 187 14.34 17.03 16.82
N ALA A 188 15.65 17.22 16.81
CA ALA A 188 16.26 18.35 16.12
C ALA A 188 16.03 18.29 14.63
N ALA A 189 15.95 17.06 14.10
CA ALA A 189 15.77 16.84 12.67
C ALA A 189 14.33 16.73 12.23
N THR A 190 13.37 16.90 13.14
CA THR A 190 11.97 16.71 12.79
C THR A 190 11.49 17.81 11.87
N ALA A 191 10.86 17.43 10.74
CA ALA A 191 10.17 18.34 9.86
C ALA A 191 8.70 18.48 10.16
N GLY A 192 8.04 17.37 10.47
CA GLY A 192 6.59 17.35 10.68
C GLY A 192 6.08 15.96 10.81
N TYR A 193 4.77 15.82 10.62
CA TYR A 193 4.06 14.66 11.09
C TYR A 193 2.95 14.35 10.10
N LEU A 194 2.97 13.13 9.58
CA LEU A 194 1.93 12.66 8.67
CA LEU A 194 1.92 12.66 8.68
C LEU A 194 0.93 11.87 9.52
N GLY A 195 -0.30 12.36 9.59
CA GLY A 195 -1.32 11.74 10.43
C GLY A 195 -2.50 11.20 9.66
N GLY A 196 -3.12 10.20 10.24
CA GLY A 196 -4.32 9.59 9.68
C GLY A 196 -5.29 9.34 10.80
N ALA A 197 -6.58 9.57 10.53
CA ALA A 197 -7.65 9.31 11.50
C ALA A 197 -8.31 7.95 11.21
N PHE A 198 -8.11 6.99 12.11
CA PHE A 198 -8.83 5.71 12.13
CA PHE A 198 -8.89 5.75 12.05
C PHE A 198 -10.23 5.99 12.69
N ASP A 199 -11.24 6.15 11.83
CA ASP A 199 -12.62 6.34 12.30
C ASP A 199 -13.19 4.96 12.56
N VAL A 200 -12.87 4.43 13.74
CA VAL A 200 -13.25 3.08 14.12
C VAL A 200 -14.78 2.96 14.17
N GLU A 201 -15.42 3.95 14.78
CA GLU A 201 -16.85 3.90 15.04
C GLU A 201 -17.65 3.71 13.75
N SER A 202 -17.30 4.48 12.71
CA SER A 202 -18.01 4.41 11.44
C SER A 202 -17.46 3.30 10.56
N LEU A 203 -16.14 3.21 10.44
CA LEU A 203 -15.56 2.40 9.34
C LEU A 203 -15.42 0.94 9.74
N VAL A 204 -15.16 0.67 11.00
CA VAL A 204 -15.21 -0.71 11.49
C VAL A 204 -16.64 -1.26 11.52
N GLU A 205 -17.62 -0.41 11.85
CA GLU A 205 -19.03 -0.82 11.76
C GLU A 205 -19.39 -1.19 10.31
N ASN A 206 -18.94 -0.36 9.37
CA ASN A 206 -19.17 -0.62 7.95
C ASN A 206 -18.56 -1.97 7.53
N LEU A 207 -17.33 -2.23 7.96
CA LEU A 207 -16.62 -3.46 7.61
C LEU A 207 -17.37 -4.67 8.17
N LEU A 208 -17.64 -4.64 9.47
CA LEU A 208 -18.31 -5.78 10.14
C LEU A 208 -19.74 -5.99 9.71
N GLY A 209 -20.47 -4.91 9.46
CA GLY A 209 -21.88 -5.01 9.14
C GLY A 209 -22.22 -5.65 7.82
N GLN A 210 -21.23 -5.73 6.92
CA GLN A 210 -21.42 -6.34 5.62
C GLN A 210 -21.18 -7.85 5.66
N LEU A 211 -20.59 -8.35 6.74
CA LEU A 211 -20.19 -9.76 6.80
C LEU A 211 -21.37 -10.64 7.17
N ALA A 212 -21.45 -11.79 6.52
CA ALA A 212 -22.48 -12.77 6.85
C ALA A 212 -22.37 -13.17 8.32
N GLY A 213 -23.52 -13.33 8.96
CA GLY A 213 -23.59 -13.69 10.38
C GLY A 213 -23.43 -12.51 11.33
N ASN A 214 -23.30 -11.31 10.79
CA ASN A 214 -23.09 -10.12 11.61
C ASN A 214 -24.19 -9.95 12.65
N GLN A 215 -25.43 -10.31 12.31
CA GLN A 215 -26.56 -10.08 13.22
C GLN A 215 -26.53 -11.06 14.39
N ALA A 216 -25.80 -12.18 14.22
CA ALA A 216 -25.72 -13.22 15.24
C ALA A 216 -24.73 -12.92 16.36
N ILE A 217 -23.83 -11.98 16.10
CA ILE A 217 -22.62 -11.80 16.88
C ILE A 217 -22.49 -10.35 17.34
N VAL A 218 -21.88 -10.19 18.51
CA VAL A 218 -21.54 -8.88 19.07
C VAL A 218 -20.02 -8.82 19.08
N VAL A 219 -19.45 -7.75 18.52
CA VAL A 219 -18.00 -7.60 18.45
C VAL A 219 -17.58 -6.35 19.21
N HIS A 220 -16.67 -6.52 20.16
CA HIS A 220 -16.08 -5.38 20.86
C HIS A 220 -14.56 -5.41 20.71
N VAL A 221 -13.95 -4.23 20.60
CA VAL A 221 -12.50 -4.10 20.58
C VAL A 221 -12.09 -3.19 21.72
N TYR A 222 -11.06 -3.62 22.45
CA TYR A 222 -10.54 -2.87 23.57
C TYR A 222 -9.07 -2.53 23.39
N ASP A 223 -8.71 -1.35 23.88
CA ASP A 223 -7.35 -0.95 24.11
C ASP A 223 -7.03 -1.39 25.54
N ILE A 224 -6.13 -2.37 25.66
CA ILE A 224 -5.75 -2.94 26.95
C ILE A 224 -4.29 -2.61 27.30
N THR A 225 -3.79 -1.49 26.78
CA THR A 225 -2.45 -0.99 27.10
C THR A 225 -2.22 -0.98 28.59
N ASN A 226 -3.21 -0.47 29.32
CA ASN A 226 -3.23 -0.55 30.79
C ASN A 226 -4.22 -1.64 31.18
N ALA A 227 -3.70 -2.78 31.65
CA ALA A 227 -4.52 -3.95 32.02
C ALA A 227 -5.68 -3.60 32.97
N SER A 228 -5.42 -2.74 33.95
CA SER A 228 -6.44 -2.40 34.96
C SER A 228 -7.39 -1.29 34.51
N ASP A 229 -7.15 -0.74 33.31
CA ASP A 229 -7.97 0.32 32.76
C ASP A 229 -8.21 0.05 31.27
N PRO A 230 -8.99 -0.99 30.96
CA PRO A 230 -9.33 -1.25 29.57
C PRO A 230 -10.20 -0.14 29.00
N LEU A 231 -9.94 0.25 27.76
CA LEU A 231 -10.69 1.32 27.11
C LEU A 231 -11.40 0.79 25.88
N VAL A 232 -12.70 1.08 25.75
CA VAL A 232 -13.49 0.65 24.59
CA VAL A 232 -13.44 0.60 24.59
C VAL A 232 -12.97 1.36 23.35
N MET A 233 -12.62 0.59 22.32
CA MET A 233 -12.22 1.15 21.03
C MET A 233 -13.33 0.99 20.02
N TYR A 234 -14.04 -0.15 20.07
CA TYR A 234 -15.20 -0.36 19.23
C TYR A 234 -16.24 -1.17 20.00
N GLY A 235 -17.49 -0.75 19.89
CA GLY A 235 -18.62 -1.52 20.41
C GLY A 235 -19.44 -0.83 21.48
N ASN A 236 -20.62 -1.40 21.72
CA ASN A 236 -21.55 -0.95 22.77
C ASN A 236 -21.46 -1.90 23.97
N GLU A 239 -24.61 -3.53 25.98
CA GLU A 239 -25.36 -4.11 24.87
C GLU A 239 -25.90 -5.49 25.25
N GLU A 240 -27.05 -5.86 24.67
CA GLU A 240 -27.64 -7.16 24.90
C GLU A 240 -26.79 -8.24 24.24
N ALA A 241 -26.12 -9.05 25.06
CA ALA A 241 -25.21 -10.09 24.57
C ALA A 241 -25.29 -11.34 25.44
N ASP A 242 -24.84 -12.46 24.88
CA ASP A 242 -24.84 -13.75 25.57
C ASP A 242 -23.75 -13.78 26.63
N ARG A 243 -24.15 -13.78 27.91
CA ARG A 243 -23.21 -13.68 29.02
C ARG A 243 -22.50 -15.01 29.32
N SER A 244 -23.03 -16.12 28.81
CA SER A 244 -22.50 -17.44 29.14
C SER A 244 -21.22 -17.83 28.40
N LEU A 245 -20.98 -17.23 27.22
CA LEU A 245 -19.87 -17.65 26.37
C LEU A 245 -19.26 -16.45 25.65
N SER A 246 -17.94 -16.41 25.58
CA SER A 246 -17.24 -15.39 24.82
C SER A 246 -15.99 -15.96 24.19
N HIS A 247 -15.43 -15.24 23.24
CA HIS A 247 -14.12 -15.57 22.74
C HIS A 247 -13.31 -14.30 22.63
N GLU A 248 -12.03 -14.43 22.98
CA GLU A 248 -11.05 -13.36 22.80
C GLU A 248 -10.17 -13.69 21.59
N SER A 249 -10.14 -12.76 20.63
CA SER A 249 -9.25 -12.88 19.49
C SER A 249 -8.13 -11.84 19.56
N LYS A 250 -6.94 -12.26 19.14
CA LYS A 250 -5.76 -11.41 19.16
C LYS A 250 -5.80 -10.32 18.09
N LEU A 251 -5.35 -9.13 18.47
CA LEU A 251 -5.14 -8.02 17.53
C LEU A 251 -3.78 -7.42 17.76
N ASP A 252 -3.09 -7.07 16.69
CA ASP A 252 -1.85 -6.36 16.76
C ASP A 252 -1.92 -5.22 15.73
N PHE A 253 -2.12 -4.01 16.23
CA PHE A 253 -2.21 -2.81 15.35
C PHE A 253 -0.87 -2.13 15.06
N GLY A 254 0.23 -2.66 15.55
CA GLY A 254 1.55 -2.32 15.03
C GLY A 254 2.36 -1.32 15.85
N ASP A 255 1.80 -0.83 16.94
CA ASP A 255 2.51 0.09 17.82
C ASP A 255 2.82 -0.62 19.13
N PRO A 256 4.11 -0.90 19.38
CA PRO A 256 4.40 -1.67 20.60
C PRO A 256 4.02 -0.98 21.93
N PHE A 257 3.77 0.33 21.90
CA PHE A 257 3.32 1.08 23.05
C PHE A 257 1.85 0.76 23.45
N ARG A 258 1.08 0.21 22.52
CA ARG A 258 -0.33 -0.06 22.74
C ARG A 258 -0.60 -1.54 22.61
N LYS A 259 -1.63 -1.98 23.30
CA LYS A 259 -2.11 -3.35 23.20
CA LYS A 259 -2.11 -3.35 23.20
C LYS A 259 -3.61 -3.34 23.01
N HIS A 260 -4.11 -4.31 22.23
CA HIS A 260 -5.54 -4.43 21.96
C HIS A 260 -5.99 -5.89 21.94
N LYS A 261 -7.31 -6.06 22.00
CA LYS A 261 -7.97 -7.37 21.88
C LYS A 261 -9.39 -7.20 21.35
N MET A 262 -9.93 -8.28 20.79
CA MET A 262 -11.32 -8.30 20.36
C MET A 262 -12.02 -9.34 21.20
N ILE A 263 -13.24 -9.03 21.59
CA ILE A 263 -14.12 -9.98 22.28
C ILE A 263 -15.41 -10.10 21.51
N CYS A 264 -15.82 -11.33 21.22
CA CYS A 264 -17.08 -11.58 20.55
C CYS A 264 -17.96 -12.44 21.42
N ARG A 265 -19.26 -12.18 21.38
CA ARG A 265 -20.27 -13.03 22.02
C ARG A 265 -21.43 -13.19 21.06
N TYR A 266 -22.29 -14.16 21.29
CA TYR A 266 -23.55 -14.20 20.58
C TYR A 266 -24.51 -13.18 21.17
N HIS A 267 -25.44 -12.69 20.36
CA HIS A 267 -26.56 -11.87 20.85
C HIS A 267 -27.33 -12.53 22.00
N GLN A 268 -27.77 -13.76 21.78
CA GLN A 268 -28.60 -14.48 22.77
C GLN A 268 -28.24 -15.96 22.80
N ASP B 2 -0.33 -46.81 6.90
CA ASP B 2 -1.75 -46.44 7.10
C ASP B 2 -2.14 -46.52 8.59
N ASP B 3 -3.30 -45.98 9.00
CA ASP B 3 -4.26 -45.25 8.15
C ASP B 3 -4.64 -43.90 8.77
N ALA B 4 -4.82 -43.87 10.09
CA ALA B 4 -4.96 -42.62 10.83
C ALA B 4 -3.79 -41.69 10.52
N ASN B 5 -2.61 -42.27 10.34
CA ASN B 5 -1.43 -41.50 9.97
C ASN B 5 -1.53 -40.93 8.55
N LYS B 6 -2.11 -41.70 7.62
CA LYS B 6 -2.39 -41.19 6.27
C LYS B 6 -3.30 -39.96 6.30
N ILE B 7 -4.30 -39.99 7.17
CA ILE B 7 -5.25 -38.88 7.28
C ILE B 7 -4.53 -37.63 7.77
N ARG B 8 -3.73 -37.77 8.82
CA ARG B 8 -2.91 -36.67 9.34
C ARG B 8 -1.94 -36.15 8.27
N ARG B 9 -1.35 -37.06 7.51
CA ARG B 9 -0.40 -36.68 6.46
C ARG B 9 -1.09 -35.78 5.44
N GLU B 10 -2.31 -36.14 5.04
CA GLU B 10 -3.12 -35.30 4.14
C GLU B 10 -3.45 -33.94 4.75
N GLU B 11 -3.85 -33.94 6.01
CA GLU B 11 -4.21 -32.69 6.68
C GLU B 11 -3.00 -31.76 6.76
N VAL B 12 -1.81 -32.32 6.99
CA VAL B 12 -0.58 -31.49 7.02
C VAL B 12 -0.32 -30.91 5.64
N LEU B 13 -0.47 -31.73 4.60
CA LEU B 13 -0.21 -31.24 3.24
C LEU B 13 -1.12 -30.08 2.89
N VAL B 14 -2.40 -30.22 3.19
CA VAL B 14 -3.40 -29.19 2.90
C VAL B 14 -3.03 -27.90 3.64
N SER B 15 -2.72 -28.02 4.91
CA SER B 15 -2.40 -26.84 5.71
CA SER B 15 -2.38 -26.85 5.72
C SER B 15 -1.13 -26.16 5.20
N MET B 16 -0.08 -26.94 4.92
CA MET B 16 1.17 -26.39 4.39
C MET B 16 0.98 -25.68 3.07
N CYS B 17 0.26 -26.34 2.16
CA CYS B 17 0.03 -25.78 0.85
C CYS B 17 -0.82 -24.51 0.92
N ASP B 18 -1.91 -24.58 1.66
CA ASP B 18 -2.83 -23.46 1.76
C ASP B 18 -2.12 -22.24 2.35
N GLN B 19 -1.27 -22.45 3.34
CA GLN B 19 -0.59 -21.32 3.97
C GLN B 19 0.39 -20.67 2.99
N ARG B 20 1.14 -21.48 2.26
CA ARG B 20 2.05 -20.97 1.22
C ARG B 20 1.30 -20.18 0.16
N ALA B 21 0.18 -20.73 -0.30
CA ALA B 21 -0.65 -20.05 -1.29
C ALA B 21 -1.15 -18.70 -0.77
N ARG B 22 -1.61 -18.66 0.47
CA ARG B 22 -2.09 -17.42 1.08
C ARG B 22 -0.97 -16.40 1.14
N MET B 23 0.22 -16.83 1.58
CA MET B 23 1.37 -15.92 1.71
C MET B 23 1.71 -15.30 0.35
N LEU B 24 1.70 -16.13 -0.68
CA LEU B 24 2.06 -15.68 -2.02
C LEU B 24 1.00 -14.75 -2.59
N GLN B 25 -0.27 -15.13 -2.46
CA GLN B 25 -1.36 -14.29 -2.92
C GLN B 25 -1.35 -12.93 -2.21
N ASP B 26 -1.09 -12.94 -0.91
CA ASP B 26 -1.11 -11.71 -0.14
C ASP B 26 0.02 -10.78 -0.57
N GLN B 27 1.21 -11.33 -0.77
CA GLN B 27 2.36 -10.48 -1.09
C GLN B 27 2.18 -9.94 -2.51
N PHE B 28 1.61 -10.75 -3.39
CA PHE B 28 1.29 -10.28 -4.70
CA PHE B 28 1.30 -10.25 -4.74
C PHE B 28 0.32 -9.09 -4.66
N SER B 29 -0.76 -9.26 -3.91
CA SER B 29 -1.80 -8.25 -3.78
C SER B 29 -1.23 -6.93 -3.25
N VAL B 30 -0.40 -7.03 -2.23
CA VAL B 30 0.20 -5.83 -1.63
C VAL B 30 1.03 -5.11 -2.72
N SER B 31 1.80 -5.87 -3.49
CA SER B 31 2.62 -5.28 -4.55
C SER B 31 1.78 -4.60 -5.63
N VAL B 32 0.71 -5.28 -6.06
CA VAL B 32 -0.15 -4.75 -7.09
C VAL B 32 -0.77 -3.44 -6.62
N ASN B 33 -1.25 -3.42 -5.38
CA ASN B 33 -1.84 -2.19 -4.84
C ASN B 33 -0.85 -1.02 -4.80
N HIS B 34 0.40 -1.30 -4.45
CA HIS B 34 1.39 -0.23 -4.38
C HIS B 34 1.80 0.24 -5.77
N VAL B 35 1.80 -0.67 -6.73
CA VAL B 35 2.06 -0.27 -8.13
C VAL B 35 0.94 0.62 -8.64
N HIS B 36 -0.29 0.33 -8.25
CA HIS B 36 -1.44 1.14 -8.61
C HIS B 36 -1.27 2.55 -8.08
N ALA B 37 -0.81 2.66 -6.84
CA ALA B 37 -0.52 3.97 -6.28
C ALA B 37 0.52 4.73 -7.08
N LEU B 38 1.56 4.04 -7.55
CA LEU B 38 2.57 4.66 -8.39
C LEU B 38 1.99 5.17 -9.71
N ALA B 39 1.07 4.41 -10.28
CA ALA B 39 0.46 4.87 -11.53
C ALA B 39 -0.30 6.17 -11.28
N ILE B 40 -0.98 6.23 -10.14
CA ILE B 40 -1.71 7.42 -9.74
C ILE B 40 -0.72 8.59 -9.50
N LEU B 41 0.42 8.29 -8.89
CA LEU B 41 1.43 9.30 -8.61
CA LEU B 41 1.47 9.29 -8.62
C LEU B 41 1.93 9.91 -9.93
N VAL B 42 2.25 9.07 -10.91
CA VAL B 42 2.74 9.59 -12.20
C VAL B 42 1.64 10.45 -12.86
N SER B 43 0.39 9.99 -12.83
CA SER B 43 -0.69 10.79 -13.38
C SER B 43 -0.81 12.15 -12.71
N THR B 44 -0.83 12.16 -11.39
CA THR B 44 -0.99 13.39 -10.66
C THR B 44 0.19 14.34 -10.90
N PHE B 45 1.42 13.83 -10.80
CA PHE B 45 2.59 14.69 -10.77
C PHE B 45 3.15 14.98 -12.15
N HIS B 46 3.02 14.05 -13.09
CA HIS B 46 3.61 14.24 -14.42
C HIS B 46 2.64 14.85 -15.42
N TYR B 47 1.33 14.62 -15.26
CA TYR B 47 0.33 15.06 -16.25
C TYR B 47 -0.62 16.12 -15.71
N HIS B 48 -1.16 15.93 -14.50
CA HIS B 48 -2.14 16.90 -13.98
C HIS B 48 -1.47 18.19 -13.57
N LYS B 49 -0.26 18.09 -13.04
CA LYS B 49 0.52 19.28 -12.77
C LYS B 49 1.15 19.74 -14.08
N ASN B 50 1.06 21.03 -14.33
CA ASN B 50 1.78 21.62 -15.46
C ASN B 50 2.53 22.85 -14.96
N PRO B 51 3.85 22.90 -15.15
CA PRO B 51 4.70 21.87 -15.76
C PRO B 51 4.80 20.61 -14.87
N SER B 52 5.33 19.53 -15.43
CA SER B 52 5.50 18.28 -14.72
C SER B 52 6.32 18.55 -13.48
N ALA B 53 5.94 17.87 -12.40
CA ALA B 53 6.61 17.99 -11.13
C ALA B 53 7.15 16.65 -10.66
N ILE B 54 7.45 15.77 -11.62
CA ILE B 54 8.16 14.51 -11.39
C ILE B 54 9.19 14.31 -12.49
N ASP B 55 10.35 13.80 -12.11
CA ASP B 55 11.46 13.54 -13.00
C ASP B 55 12.17 12.25 -12.57
N GLN B 56 13.20 11.84 -13.31
CA GLN B 56 13.89 10.59 -13.01
C GLN B 56 14.45 10.59 -11.59
N GLU B 57 15.09 11.67 -11.20
CA GLU B 57 15.73 11.73 -9.88
C GLU B 57 14.69 11.48 -8.78
N THR B 58 13.55 12.13 -8.92
CA THR B 58 12.49 12.07 -7.93
CA THR B 58 12.54 12.03 -7.87
C THR B 58 11.81 10.69 -7.93
N PHE B 59 11.53 10.18 -9.12
CA PHE B 59 10.98 8.83 -9.27
C PHE B 59 11.93 7.81 -8.66
N ALA B 60 13.22 7.91 -8.95
CA ALA B 60 14.18 6.95 -8.40
C ALA B 60 14.21 6.99 -6.88
N GLU B 61 14.21 8.19 -6.33
CA GLU B 61 14.23 8.34 -4.86
C GLU B 61 12.97 7.76 -4.24
N TYR B 62 11.81 8.15 -4.73
CA TYR B 62 10.57 7.69 -4.14
C TYR B 62 10.44 6.17 -4.23
N THR B 63 10.79 5.60 -5.39
CA THR B 63 10.65 4.17 -5.58
C THR B 63 11.68 3.39 -4.73
N ALA B 64 12.90 3.90 -4.61
CA ALA B 64 13.88 3.28 -3.72
C ALA B 64 13.39 3.25 -2.28
N ARG B 65 12.89 4.40 -1.83
CA ARG B 65 12.44 4.54 -0.45
C ARG B 65 11.20 3.72 -0.11
N THR B 66 10.38 3.42 -1.11
CA THR B 66 9.15 2.63 -0.94
C THR B 66 9.32 1.21 -1.46
N ALA B 67 10.56 0.77 -1.69
CA ALA B 67 10.75 -0.60 -2.22
C ALA B 67 10.12 -1.65 -1.30
N PHE B 68 10.14 -1.39 0.01
CA PHE B 68 9.52 -2.30 0.99
C PHE B 68 8.02 -2.53 0.79
N GLU B 69 7.35 -1.59 0.13
CA GLU B 69 5.94 -1.69 -0.15
C GLU B 69 5.62 -2.70 -1.28
N ARG B 70 6.64 -3.15 -2.03
CA ARG B 70 6.44 -3.96 -3.22
C ARG B 70 7.27 -5.24 -3.13
N PRO B 71 6.92 -6.12 -2.20
CA PRO B 71 7.83 -7.22 -1.86
C PRO B 71 8.26 -8.20 -2.94
N LEU B 72 7.44 -8.46 -3.92
CA LEU B 72 7.87 -9.48 -4.90
C LEU B 72 8.38 -8.88 -6.20
N LEU B 73 8.54 -7.58 -6.18
CA LEU B 73 8.94 -6.85 -7.39
C LEU B 73 10.44 -6.59 -7.33
N SER B 74 11.12 -6.88 -8.45
CA SER B 74 12.54 -6.51 -8.55
C SER B 74 12.74 -5.03 -8.90
N GLY B 75 11.69 -4.38 -9.41
CA GLY B 75 11.80 -2.97 -9.75
C GLY B 75 10.56 -2.49 -10.47
N VAL B 76 10.40 -1.19 -10.52
CA VAL B 76 9.28 -0.54 -11.21
C VAL B 76 9.81 0.52 -12.15
N ALA B 77 9.03 0.80 -13.20
CA ALA B 77 9.44 1.75 -14.21
C ALA B 77 8.21 2.33 -14.87
N TYR B 78 8.37 3.51 -15.48
CA TYR B 78 7.30 4.16 -16.21
C TYR B 78 7.75 4.35 -17.65
N ALA B 79 6.94 3.82 -18.58
CA ALA B 79 7.15 3.95 -20.00
C ALA B 79 6.11 4.90 -20.53
N GLU B 80 6.55 5.85 -21.35
CA GLU B 80 5.66 6.84 -21.89
C GLU B 80 5.21 6.44 -23.30
N LYS B 81 3.95 6.68 -23.63
CA LYS B 81 3.48 6.48 -24.97
C LYS B 81 4.04 7.57 -25.90
N VAL B 82 4.65 7.13 -26.98
CA VAL B 82 5.20 8.03 -28.00
C VAL B 82 4.76 7.51 -29.35
N VAL B 83 4.00 8.33 -30.09
CA VAL B 83 3.63 7.95 -31.45
C VAL B 83 4.71 8.42 -32.39
N ASN B 84 4.82 7.79 -33.55
CA ASN B 84 5.97 8.07 -34.40
C ASN B 84 6.20 9.53 -34.75
N PHE B 85 5.16 10.30 -35.07
CA PHE B 85 5.38 11.71 -35.44
C PHE B 85 6.05 12.52 -34.35
N GLU B 86 5.90 12.07 -33.11
CA GLU B 86 6.47 12.73 -31.95
C GLU B 86 7.90 12.25 -31.63
N ARG B 87 8.39 11.22 -32.29
CA ARG B 87 9.65 10.60 -31.92
C ARG B 87 10.84 11.55 -31.95
N GLU B 88 10.98 12.35 -33.01
CA GLU B 88 12.12 13.27 -33.13
CA GLU B 88 12.12 13.26 -33.13
C GLU B 88 12.13 14.24 -31.96
N MET B 89 10.96 14.81 -31.65
CA MET B 89 10.82 15.79 -30.58
C MET B 89 11.15 15.14 -29.23
N PHE B 90 10.63 13.94 -29.05
CA PHE B 90 10.82 13.19 -27.81
C PHE B 90 12.30 12.89 -27.60
N GLU B 91 12.98 12.40 -28.63
CA GLU B 91 14.39 12.04 -28.53
C GLU B 91 15.24 13.27 -28.29
N ARG B 92 14.89 14.38 -28.92
CA ARG B 92 15.57 15.65 -28.68
CA ARG B 92 15.61 15.62 -28.67
C ARG B 92 15.41 16.08 -27.22
N GLN B 93 14.19 15.97 -26.70
CA GLN B 93 13.89 16.38 -25.31
CA GLN B 93 13.89 16.38 -25.31
C GLN B 93 14.68 15.56 -24.30
N HIS B 94 14.71 14.24 -24.50
CA HIS B 94 15.38 13.34 -23.58
C HIS B 94 16.87 13.18 -23.82
N ASN B 95 17.35 13.65 -24.96
CA ASN B 95 18.75 13.50 -25.33
C ASN B 95 19.20 12.03 -25.40
N TRP B 96 18.30 11.17 -25.87
CA TRP B 96 18.66 9.79 -26.20
C TRP B 96 17.70 9.23 -27.23
N VAL B 97 18.10 8.14 -27.85
CA VAL B 97 17.34 7.44 -28.88
CA VAL B 97 17.26 7.48 -28.85
C VAL B 97 16.57 6.27 -28.24
N ILE B 98 15.35 6.04 -28.71
CA ILE B 98 14.57 4.89 -28.33
C ILE B 98 15.23 3.62 -28.85
N LYS B 99 15.40 2.64 -27.97
CA LYS B 99 16.19 1.43 -28.25
C LYS B 99 15.34 0.19 -28.17
N THR B 100 15.79 -0.84 -28.87
CA THR B 100 15.18 -2.13 -28.82
C THR B 100 15.61 -2.90 -27.57
N MET B 101 14.70 -3.70 -27.05
CA MET B 101 14.97 -4.53 -25.84
CA MET B 101 14.97 -4.50 -25.87
C MET B 101 15.99 -5.60 -26.12
N ASP B 102 15.98 -6.17 -27.32
CA ASP B 102 16.81 -7.36 -27.56
C ASP B 102 18.30 -7.05 -27.68
N ARG B 103 18.66 -5.97 -28.39
CA ARG B 103 20.09 -5.67 -28.61
CA ARG B 103 20.07 -5.64 -28.68
C ARG B 103 20.48 -4.23 -28.20
N GLY B 104 19.52 -3.44 -27.75
CA GLY B 104 19.79 -2.04 -27.37
C GLY B 104 20.19 -1.21 -28.58
N GLU B 105 19.67 -1.58 -29.73
CA GLU B 105 20.00 -0.87 -30.95
C GLU B 105 18.93 0.20 -31.17
N PRO B 106 19.25 1.24 -31.97
CA PRO B 106 18.25 2.29 -32.21
C PRO B 106 17.01 1.68 -32.84
N SER B 107 15.82 2.02 -32.34
CA SER B 107 14.61 1.33 -32.80
C SER B 107 14.34 1.64 -34.27
N PRO B 108 14.03 0.61 -35.07
CA PRO B 108 13.47 0.93 -36.37
C PRO B 108 12.19 1.70 -36.22
N VAL B 109 11.70 2.29 -37.30
CA VAL B 109 10.44 3.00 -37.23
C VAL B 109 9.28 2.02 -36.90
N ARG B 110 8.43 2.48 -35.99
CA ARG B 110 7.25 1.75 -35.54
C ARG B 110 6.16 2.79 -35.46
N ASP B 111 4.89 2.35 -35.47
CA ASP B 111 3.79 3.33 -35.40
C ASP B 111 3.82 4.09 -34.07
N GLU B 112 4.17 3.35 -33.03
CA GLU B 112 4.29 3.91 -31.66
C GLU B 112 5.27 3.08 -30.88
N TYR B 113 5.64 3.64 -29.72
CA TYR B 113 6.68 3.09 -28.85
C TYR B 113 6.27 3.34 -27.40
N ALA B 114 6.93 2.63 -26.51
CA ALA B 114 6.72 2.77 -25.08
C ALA B 114 8.09 2.83 -24.38
N PRO B 115 8.88 3.89 -24.63
CA PRO B 115 10.20 3.97 -24.02
C PRO B 115 10.12 4.26 -22.51
N VAL B 116 10.95 3.56 -21.75
CA VAL B 116 11.05 3.83 -20.31
C VAL B 116 11.73 5.17 -20.09
N ILE B 117 11.05 6.08 -19.41
CA ILE B 117 11.57 7.38 -19.03
C ILE B 117 11.90 7.53 -17.55
N PHE B 118 11.18 6.80 -16.69
CA PHE B 118 11.51 6.77 -15.26
C PHE B 118 11.77 5.33 -14.85
N SER B 119 12.78 5.13 -13.99
CA SER B 119 13.07 3.79 -13.54
C SER B 119 13.62 3.78 -12.14
N GLN B 120 13.18 2.80 -11.36
CA GLN B 120 13.88 2.47 -10.14
C GLN B 120 15.31 2.04 -10.49
N ASP B 121 16.32 2.41 -9.69
CA ASP B 121 17.71 2.12 -10.06
C ASP B 121 17.97 0.62 -10.22
N SER B 122 17.21 -0.20 -9.49
CA SER B 122 17.28 -1.66 -9.64
C SER B 122 17.02 -2.18 -11.04
N VAL B 123 16.27 -1.41 -11.81
CA VAL B 123 15.99 -1.72 -13.23
C VAL B 123 16.43 -0.55 -14.14
N SER B 124 17.55 0.07 -13.80
CA SER B 124 18.01 1.22 -14.54
C SER B 124 18.30 0.91 -16.03
N TYR B 125 18.69 -0.33 -16.29
CA TYR B 125 18.92 -0.82 -17.66
C TYR B 125 17.71 -0.75 -18.55
N LEU B 126 16.52 -0.54 -18.00
CA LEU B 126 15.34 -0.33 -18.84
C LEU B 126 15.28 1.05 -19.50
N GLU B 127 15.99 2.05 -18.97
CA GLU B 127 15.80 3.41 -19.46
CA GLU B 127 15.83 3.41 -19.46
C GLU B 127 16.10 3.46 -20.96
N SER B 128 15.16 4.08 -21.66
CA SER B 128 15.18 4.29 -23.13
C SER B 128 14.75 3.07 -23.91
N LEU B 129 14.58 1.91 -23.28
CA LEU B 129 14.13 0.76 -24.01
C LEU B 129 12.66 0.89 -24.33
N ASP B 130 12.30 0.57 -25.58
CA ASP B 130 10.92 0.49 -26.01
C ASP B 130 10.28 -0.79 -25.51
N MET B 131 9.41 -0.67 -24.52
CA MET B 131 8.75 -1.86 -23.99
C MET B 131 7.80 -2.59 -24.92
N MET B 132 7.47 -1.95 -26.04
CA MET B 132 6.72 -2.65 -27.06
C MET B 132 7.57 -3.57 -27.96
N SER B 133 8.90 -3.53 -27.81
CA SER B 133 9.81 -4.36 -28.58
C SER B 133 10.09 -5.74 -27.99
N GLY B 134 9.35 -6.08 -26.93
CA GLY B 134 9.29 -7.45 -26.40
C GLY B 134 7.84 -7.86 -26.42
N GLU B 135 7.54 -9.07 -26.89
CA GLU B 135 6.14 -9.46 -27.09
C GLU B 135 5.29 -9.56 -25.84
N GLU B 136 5.85 -10.12 -24.77
CA GLU B 136 5.10 -10.22 -23.55
C GLU B 136 4.75 -8.82 -23.02
N ASP B 137 5.75 -7.95 -23.01
CA ASP B 137 5.55 -6.58 -22.59
C ASP B 137 4.58 -5.81 -23.48
N ARG B 138 4.69 -6.03 -24.78
CA ARG B 138 3.81 -5.32 -25.70
C ARG B 138 2.34 -5.70 -25.49
N GLU B 139 2.08 -6.98 -25.39
CA GLU B 139 0.75 -7.50 -25.12
C GLU B 139 0.20 -6.95 -23.81
N ASN B 140 1.04 -6.88 -22.79
CA ASN B 140 0.63 -6.32 -21.52
C ASN B 140 0.21 -4.86 -21.65
N ILE B 141 1.01 -4.11 -22.40
CA ILE B 141 0.77 -2.68 -22.57
C ILE B 141 -0.57 -2.45 -23.27
N LEU B 142 -0.80 -3.24 -24.30
CA LEU B 142 -2.07 -3.07 -25.01
C LEU B 142 -3.29 -3.42 -24.16
N ARG B 143 -3.22 -4.52 -23.42
CA ARG B 143 -4.35 -4.92 -22.62
C ARG B 143 -4.56 -3.99 -21.42
N ALA B 144 -3.47 -3.48 -20.86
CA ALA B 144 -3.54 -2.48 -19.77
C ALA B 144 -4.33 -1.29 -20.26
N ARG B 145 -3.93 -0.72 -21.40
CA ARG B 145 -4.58 0.51 -21.84
C ARG B 145 -6.00 0.32 -22.31
N GLU B 146 -6.31 -0.83 -22.91
CA GLU B 146 -7.68 -1.10 -23.36
C GLU B 146 -8.66 -1.41 -22.22
N THR B 147 -8.16 -2.04 -21.17
CA THR B 147 -9.03 -2.43 -20.05
C THR B 147 -9.11 -1.42 -18.93
N GLY B 148 -8.09 -0.58 -18.79
CA GLY B 148 -8.03 0.38 -17.69
C GLY B 148 -7.64 -0.21 -16.36
N LYS B 149 -7.17 -1.45 -16.36
CA LYS B 149 -6.87 -2.17 -15.11
C LYS B 149 -5.54 -2.90 -15.19
N ALA B 150 -5.08 -3.37 -14.04
CA ALA B 150 -3.85 -4.10 -13.92
C ALA B 150 -3.89 -5.33 -14.82
N VAL B 151 -2.77 -5.64 -15.46
CA VAL B 151 -2.62 -6.84 -16.27
C VAL B 151 -1.32 -7.55 -15.97
N LEU B 152 -1.34 -8.86 -16.14
CA LEU B 152 -0.18 -9.70 -15.97
C LEU B 152 0.16 -10.46 -17.25
N THR B 153 1.46 -10.63 -17.46
CA THR B 153 1.96 -11.49 -18.51
C THR B 153 1.92 -12.96 -18.12
N SER B 154 2.15 -13.83 -19.10
CA SER B 154 2.54 -15.19 -18.86
C SER B 154 3.95 -15.18 -18.25
N PRO B 155 4.37 -16.31 -17.69
CA PRO B 155 5.74 -16.33 -17.19
C PRO B 155 6.76 -16.33 -18.34
N PHE B 156 7.80 -15.51 -18.19
CA PHE B 156 8.86 -15.46 -19.17
C PHE B 156 10.13 -14.95 -18.49
N ARG B 157 11.26 -15.09 -19.18
CA ARG B 157 12.54 -14.74 -18.58
C ARG B 157 12.80 -13.24 -18.77
N LEU B 158 13.13 -12.60 -17.66
CA LEU B 158 13.24 -11.15 -17.56
C LEU B 158 14.59 -10.68 -18.08
N LEU B 159 14.65 -9.41 -18.46
CA LEU B 159 15.86 -8.79 -18.93
C LEU B 159 16.94 -8.80 -17.87
N GLU B 160 18.18 -8.94 -18.31
CA GLU B 160 19.39 -8.80 -17.45
C GLU B 160 19.64 -10.00 -16.58
N THR B 161 18.68 -10.34 -15.75
CA THR B 161 18.84 -11.44 -14.83
C THR B 161 18.52 -12.79 -15.45
N HIS B 162 17.65 -12.78 -16.46
CA HIS B 162 17.12 -14.01 -17.06
C HIS B 162 16.28 -14.84 -16.07
N HIS B 163 15.82 -14.22 -14.97
CA HIS B 163 14.97 -14.92 -14.02
C HIS B 163 13.56 -15.05 -14.56
N LEU B 164 12.93 -16.19 -14.27
CA LEU B 164 11.56 -16.44 -14.71
C LEU B 164 10.64 -15.59 -13.85
N GLY B 165 9.79 -14.81 -14.49
CA GLY B 165 8.90 -13.95 -13.76
C GLY B 165 7.70 -13.55 -14.58
N VAL B 166 6.95 -12.61 -14.05
CA VAL B 166 5.79 -12.06 -14.74
C VAL B 166 5.81 -10.55 -14.60
N VAL B 167 5.40 -9.86 -15.63
CA VAL B 167 5.31 -8.42 -15.60
C VAL B 167 3.89 -7.96 -15.33
N LEU B 168 3.78 -6.96 -14.46
CA LEU B 168 2.54 -6.30 -14.08
C LEU B 168 2.55 -4.91 -14.73
N THR B 169 1.47 -4.51 -15.38
CA THR B 169 1.36 -3.19 -15.98
C THR B 169 0.03 -2.53 -15.60
N PHE B 170 0.08 -1.24 -15.25
CA PHE B 170 -1.09 -0.39 -15.04
C PHE B 170 -1.02 0.70 -16.07
N PRO B 171 -2.14 1.03 -16.70
CA PRO B 171 -2.16 2.17 -17.59
C PRO B 171 -2.19 3.50 -16.81
N VAL B 172 -1.60 4.53 -17.43
CA VAL B 172 -1.70 5.90 -16.97
C VAL B 172 -2.35 6.71 -18.12
N TYR B 173 -3.43 7.42 -17.83
CA TYR B 173 -4.16 8.20 -18.80
C TYR B 173 -4.03 9.71 -18.59
N LYS B 174 -4.27 10.44 -19.67
CA LYS B 174 -4.40 11.90 -19.64
C LYS B 174 -5.75 12.27 -19.02
N SER B 175 -5.85 13.49 -18.51
CA SER B 175 -7.11 13.99 -17.94
C SER B 175 -8.22 14.11 -18.99
N SER B 176 -7.87 14.02 -20.27
CA SER B 176 -8.87 14.07 -21.33
C SER B 176 -9.69 12.78 -21.45
N LEU B 177 -9.30 11.73 -20.71
CA LEU B 177 -10.08 10.48 -20.65
C LEU B 177 -11.52 10.79 -20.21
N PRO B 178 -12.52 10.44 -21.06
CA PRO B 178 -13.93 10.64 -20.70
C PRO B 178 -14.40 9.72 -19.57
N GLU B 179 -15.52 10.05 -18.93
CA GLU B 179 -16.10 9.12 -17.95
C GLU B 179 -16.80 7.98 -18.70
N ASN B 180 -16.78 6.79 -18.11
CA ASN B 180 -17.24 5.57 -18.77
C ASN B 180 -16.73 5.49 -20.21
N PRO B 181 -15.39 5.48 -20.36
CA PRO B 181 -14.79 5.54 -21.69
C PRO B 181 -14.97 4.23 -22.46
N THR B 182 -14.96 4.33 -23.78
CA THR B 182 -14.90 3.18 -24.63
C THR B 182 -13.45 2.77 -24.70
N VAL B 183 -13.18 1.59 -25.23
CA VAL B 183 -11.79 1.19 -25.47
C VAL B 183 -11.07 2.19 -26.40
N GLU B 184 -11.76 2.63 -27.45
CA GLU B 184 -11.19 3.61 -28.38
C GLU B 184 -10.77 4.90 -27.67
N GLU B 185 -11.60 5.32 -26.71
CA GLU B 185 -11.32 6.52 -25.91
C GLU B 185 -10.13 6.30 -24.98
N ARG B 186 -10.05 5.11 -24.40
CA ARG B 186 -8.92 4.74 -23.55
CA ARG B 186 -8.92 4.74 -23.54
C ARG B 186 -7.61 4.81 -24.33
N ILE B 187 -7.59 4.21 -25.52
CA ILE B 187 -6.37 4.24 -26.34
C ILE B 187 -5.95 5.68 -26.63
N ALA B 188 -6.91 6.51 -27.05
CA ALA B 188 -6.64 7.90 -27.41
C ALA B 188 -6.12 8.72 -26.23
N ALA B 189 -6.59 8.36 -25.04
CA ALA B 189 -6.24 9.11 -23.83
C ALA B 189 -5.02 8.54 -23.10
N THR B 190 -4.42 7.47 -23.62
CA THR B 190 -3.29 6.83 -22.94
C THR B 190 -2.07 7.75 -22.89
N ALA B 191 -1.51 7.90 -21.70
CA ALA B 191 -0.25 8.61 -21.52
C ALA B 191 0.95 7.67 -21.44
N GLY B 192 0.78 6.50 -20.83
CA GLY B 192 1.90 5.61 -20.58
C GLY B 192 1.52 4.47 -19.67
N TYR B 193 2.53 3.78 -19.19
CA TYR B 193 2.40 2.44 -18.63
C TYR B 193 3.38 2.31 -17.46
N LEU B 194 2.84 2.04 -16.28
CA LEU B 194 3.61 1.82 -15.06
C LEU B 194 3.76 0.31 -14.93
N GLY B 195 4.99 -0.19 -14.97
CA GLY B 195 5.24 -1.61 -14.95
C GLY B 195 6.10 -2.03 -13.78
N GLY B 196 5.89 -3.25 -13.35
CA GLY B 196 6.69 -3.89 -12.31
C GLY B 196 7.03 -5.31 -12.74
N ALA B 197 8.22 -5.77 -12.38
CA ALA B 197 8.67 -7.13 -12.68
C ALA B 197 8.58 -7.97 -11.42
N PHE B 198 7.69 -8.96 -11.43
CA PHE B 198 7.63 -9.97 -10.36
C PHE B 198 8.71 -10.98 -10.70
N ASP B 199 9.80 -10.95 -9.94
CA ASP B 199 10.89 -11.91 -10.12
C ASP B 199 10.53 -13.13 -9.29
N VAL B 200 9.88 -14.09 -9.93
CA VAL B 200 9.32 -15.25 -9.23
C VAL B 200 10.46 -16.17 -8.86
N GLU B 201 11.34 -16.40 -9.82
CA GLU B 201 12.40 -17.37 -9.66
C GLU B 201 13.23 -17.09 -8.42
N SER B 202 13.56 -15.83 -8.20
CA SER B 202 14.36 -15.45 -7.03
C SER B 202 13.49 -15.10 -5.83
N LEU B 203 12.53 -14.20 -5.99
CA LEU B 203 11.87 -13.65 -4.81
C LEU B 203 10.78 -14.57 -4.24
N VAL B 204 10.11 -15.35 -5.08
CA VAL B 204 9.21 -16.36 -4.53
C VAL B 204 9.96 -17.52 -3.89
N GLU B 205 11.14 -17.87 -4.42
CA GLU B 205 12.00 -18.85 -3.81
C GLU B 205 12.44 -18.35 -2.44
N ASN B 206 12.74 -17.06 -2.33
CA ASN B 206 13.12 -16.48 -1.04
CA ASN B 206 13.12 -16.48 -1.05
C ASN B 206 11.97 -16.56 -0.05
N LEU B 207 10.76 -16.28 -0.53
CA LEU B 207 9.57 -16.33 0.30
C LEU B 207 9.30 -17.76 0.81
N LEU B 208 9.31 -18.74 -0.08
CA LEU B 208 8.81 -20.08 0.25
C LEU B 208 9.90 -21.06 0.64
N GLY B 209 11.07 -20.97 0.03
CA GLY B 209 12.16 -21.90 0.30
C GLY B 209 12.72 -21.96 1.71
N GLN B 210 12.57 -20.88 2.48
CA GLN B 210 13.09 -20.82 3.84
CA GLN B 210 13.10 -20.84 3.84
C GLN B 210 12.09 -21.36 4.86
N LEU B 211 10.88 -21.70 4.43
CA LEU B 211 9.82 -22.09 5.36
C LEU B 211 10.03 -23.50 5.92
N ALA B 212 9.73 -23.68 7.21
CA ALA B 212 9.81 -25.01 7.82
C ALA B 212 9.00 -26.02 7.00
N GLY B 213 9.55 -27.22 6.84
CA GLY B 213 8.89 -28.29 6.10
C GLY B 213 9.14 -28.27 4.60
N ASN B 214 9.92 -27.31 4.12
CA ASN B 214 10.15 -27.16 2.69
C ASN B 214 10.78 -28.41 2.05
N GLN B 215 11.63 -29.10 2.80
CA GLN B 215 12.28 -30.30 2.26
C GLN B 215 11.34 -31.50 2.12
N ALA B 216 10.19 -31.47 2.80
CA ALA B 216 9.25 -32.58 2.75
C ALA B 216 8.30 -32.51 1.54
N ILE B 217 8.17 -31.32 0.94
CA ILE B 217 7.16 -31.14 -0.13
C ILE B 217 7.74 -30.54 -1.41
N VAL B 218 7.02 -30.80 -2.50
CA VAL B 218 7.30 -30.27 -3.84
C VAL B 218 6.22 -29.23 -4.09
N VAL B 219 6.62 -27.99 -4.36
CA VAL B 219 5.66 -26.89 -4.61
C VAL B 219 5.80 -26.38 -6.03
N HIS B 220 4.66 -26.22 -6.70
CA HIS B 220 4.62 -25.60 -8.02
C HIS B 220 3.56 -24.54 -8.05
N VAL B 221 3.81 -23.49 -8.85
CA VAL B 221 2.77 -22.54 -9.20
C VAL B 221 2.67 -22.58 -10.71
N TYR B 222 1.45 -22.75 -11.21
CA TYR B 222 1.22 -22.85 -12.66
C TYR B 222 0.33 -21.71 -13.09
N ASP B 223 0.63 -21.17 -14.26
CA ASP B 223 -0.29 -20.31 -15.01
C ASP B 223 -1.16 -21.25 -15.84
N ILE B 224 -2.44 -21.30 -15.52
CA ILE B 224 -3.38 -22.23 -16.13
C ILE B 224 -4.42 -21.49 -16.95
N THR B 225 -4.03 -20.35 -17.49
CA THR B 225 -4.90 -19.55 -18.36
C THR B 225 -5.44 -20.37 -19.51
N ASN B 226 -4.56 -21.18 -20.10
CA ASN B 226 -4.95 -22.19 -21.07
C ASN B 226 -4.87 -23.53 -20.36
N ALA B 227 -6.03 -24.09 -19.99
CA ALA B 227 -6.07 -25.34 -19.22
C ALA B 227 -5.29 -26.50 -19.87
N SER B 228 -5.26 -26.53 -21.20
CA SER B 228 -4.51 -27.57 -21.94
C SER B 228 -3.00 -27.32 -22.05
N ASP B 229 -2.55 -26.12 -21.69
CA ASP B 229 -1.14 -25.75 -21.79
C ASP B 229 -0.75 -25.00 -20.51
N PRO B 230 -0.68 -25.73 -19.39
CA PRO B 230 -0.22 -25.09 -18.14
C PRO B 230 1.24 -24.66 -18.24
N LEU B 231 1.54 -23.48 -17.72
CA LEU B 231 2.88 -22.94 -17.81
C LEU B 231 3.45 -22.81 -16.43
N VAL B 232 4.65 -23.35 -16.22
CA VAL B 232 5.29 -23.23 -14.93
C VAL B 232 5.63 -21.77 -14.65
N MET B 233 5.19 -21.28 -13.50
CA MET B 233 5.58 -19.97 -13.00
C MET B 233 6.63 -20.13 -11.91
N TYR B 234 6.45 -21.14 -11.06
CA TYR B 234 7.38 -21.48 -9.99
C TYR B 234 7.51 -23.02 -9.84
N GLY B 235 8.74 -23.49 -9.65
CA GLY B 235 9.01 -24.92 -9.40
C GLY B 235 9.67 -25.59 -10.59
N ASN B 236 9.85 -26.92 -10.52
CA ASN B 236 10.60 -27.67 -11.54
C ASN B 236 9.72 -28.06 -12.74
N GLN B 237 10.29 -28.78 -13.70
CA GLN B 237 9.57 -29.09 -14.96
C GLN B 237 8.90 -30.48 -14.96
N ASP B 238 8.73 -31.09 -13.78
CA ASP B 238 8.18 -32.46 -13.72
C ASP B 238 6.71 -32.51 -14.12
N GLU B 239 6.34 -33.54 -14.88
CA GLU B 239 5.00 -33.68 -15.46
C GLU B 239 4.13 -34.62 -14.63
N SER B 244 1.66 -39.28 -6.48
CA SER B 244 0.22 -39.51 -6.41
C SER B 244 -0.50 -38.36 -5.70
N LEU B 245 -0.35 -38.29 -4.37
CA LEU B 245 -1.10 -37.35 -3.55
C LEU B 245 -0.63 -35.91 -3.75
N SER B 246 -1.42 -35.12 -4.47
CA SER B 246 -1.19 -33.69 -4.54
C SER B 246 -2.35 -32.95 -3.88
N HIS B 247 -2.14 -31.67 -3.63
CA HIS B 247 -3.22 -30.81 -3.20
C HIS B 247 -3.13 -29.56 -4.06
N GLU B 248 -4.28 -29.07 -4.51
CA GLU B 248 -4.36 -27.83 -5.25
CA GLU B 248 -4.35 -27.83 -5.24
C GLU B 248 -4.80 -26.74 -4.28
N SER B 249 -4.02 -25.66 -4.20
CA SER B 249 -4.39 -24.52 -3.41
C SER B 249 -4.67 -23.36 -4.35
N LYS B 250 -5.71 -22.61 -4.02
CA LYS B 250 -6.17 -21.49 -4.86
C LYS B 250 -5.20 -20.29 -4.87
N LEU B 251 -5.02 -19.68 -6.04
CA LEU B 251 -4.33 -18.39 -6.17
C LEU B 251 -5.16 -17.48 -7.05
N ASP B 252 -5.23 -16.22 -6.66
CA ASP B 252 -5.86 -15.20 -7.51
C ASP B 252 -4.95 -14.00 -7.50
N PHE B 253 -4.25 -13.79 -8.61
CA PHE B 253 -3.29 -12.69 -8.75
C PHE B 253 -3.91 -11.41 -9.32
N GLY B 254 -5.21 -11.39 -9.57
CA GLY B 254 -5.93 -10.12 -9.77
C GLY B 254 -6.14 -9.65 -11.21
N ASP B 255 -5.66 -10.44 -12.17
CA ASP B 255 -5.97 -10.18 -13.59
C ASP B 255 -6.94 -11.24 -14.11
N PRO B 256 -8.19 -10.86 -14.40
CA PRO B 256 -9.16 -11.85 -14.89
C PRO B 256 -8.78 -12.59 -16.18
N PHE B 257 -7.84 -12.05 -16.95
CA PHE B 257 -7.35 -12.67 -18.17
C PHE B 257 -6.50 -13.91 -17.91
N ARG B 258 -5.94 -14.00 -16.71
CA ARG B 258 -5.00 -15.06 -16.35
C ARG B 258 -5.60 -15.87 -15.20
N LYS B 259 -5.17 -17.12 -15.10
CA LYS B 259 -5.56 -18.01 -14.02
CA LYS B 259 -5.55 -18.00 -14.01
C LYS B 259 -4.32 -18.72 -13.51
N HIS B 260 -4.26 -18.98 -12.20
CA HIS B 260 -3.10 -19.58 -11.59
C HIS B 260 -3.56 -20.57 -10.52
N LYS B 261 -2.69 -21.50 -10.20
CA LYS B 261 -2.92 -22.42 -9.08
C LYS B 261 -1.58 -22.82 -8.49
N MET B 262 -1.63 -23.20 -7.21
CA MET B 262 -0.48 -23.80 -6.53
C MET B 262 -0.79 -25.28 -6.35
N ILE B 263 0.20 -26.12 -6.60
CA ILE B 263 0.08 -27.55 -6.33
C ILE B 263 1.22 -27.96 -5.44
N CYS B 264 0.89 -28.69 -4.38
CA CYS B 264 1.90 -29.27 -3.50
C CYS B 264 1.74 -30.77 -3.39
N ARG B 265 2.89 -31.44 -3.28
CA ARG B 265 3.02 -32.89 -3.22
C ARG B 265 4.08 -33.24 -2.20
N TYR B 266 4.02 -34.43 -1.60
CA TYR B 266 5.15 -34.93 -0.84
C TYR B 266 6.19 -35.51 -1.79
N HIS B 267 7.46 -35.51 -1.37
CA HIS B 267 8.54 -36.21 -2.09
C HIS B 267 8.34 -37.73 -2.16
N GLN B 268 8.06 -38.35 -1.01
CA GLN B 268 7.90 -39.80 -0.90
CA GLN B 268 7.88 -39.81 -0.92
C GLN B 268 6.48 -40.19 -0.46
O16 ZEA C . -0.12 13.58 13.76
C14 ZEA C . -0.44 14.55 12.80
C13 ZEA C . -1.88 14.66 12.37
C15 ZEA C . -2.13 15.46 11.12
C12 ZEA C . -2.81 13.88 12.98
C11 ZEA C . -4.23 13.76 12.54
N10 ZEA C . -5.12 13.90 13.67
C6 ZEA C . -6.54 13.98 13.45
C5 ZEA C . -7.43 14.22 14.52
N9 ZEA C . -7.30 14.45 15.88
C4 ZEA C . -8.79 14.30 14.23
N7 ZEA C . -9.45 14.53 15.39
C8 ZEA C . -8.54 14.68 16.38
N3 ZEA C . -9.23 14.01 12.95
C2 ZEA C . -8.34 13.83 11.98
N1 ZEA C . -7.01 13.76 12.19
C1 MLI D . 12.84 5.73 5.78
C2 MLI D . 12.62 6.79 4.77
C3 MLI D . 11.60 5.09 6.24
O6 MLI D . 12.79 6.41 3.57
O7 MLI D . 12.26 7.95 5.14
O8 MLI D . 11.70 4.22 7.16
O9 MLI D . 10.51 5.71 6.10
O16 ZEA E . 4.57 -2.13 -18.82
C14 ZEA E . 5.54 -1.14 -18.68
C13 ZEA E . 6.87 -1.55 -18.09
C15 ZEA E . 7.89 -0.51 -17.78
C12 ZEA E . 7.09 -2.90 -17.86
C11 ZEA E . 8.24 -3.51 -17.12
N10 ZEA E . 8.71 -4.69 -17.82
C6 ZEA E . 9.94 -5.26 -17.38
C5 ZEA E . 10.57 -6.33 -18.09
N9 ZEA E . 10.35 -6.95 -19.29
C4 ZEA E . 11.77 -6.80 -17.55
N7 ZEA E . 12.24 -7.74 -18.45
C8 ZEA E . 11.36 -7.83 -19.44
N3 ZEA E . 12.28 -6.33 -16.37
C2 ZEA E . 11.60 -5.39 -15.71
N1 ZEA E . 10.47 -4.87 -16.19
#